data_5UVK
#
_entry.id   5UVK
#
_cell.length_a   186.400
_cell.length_b   186.400
_cell.length_c   60.300
_cell.angle_alpha   90.00
_cell.angle_beta   90.00
_cell.angle_gamma   120.00
#
_symmetry.space_group_name_H-M   'H 3 2'
#
loop_
_entity.id
_entity.type
_entity.pdbx_description
1 polymer 'C-phycocyanin alpha chain'
2 polymer 'C-phycocyanin beta chain'
3 non-polymer PHYCOCYANOBILIN
#
loop_
_entity_poly.entity_id
_entity_poly.type
_entity_poly.pdbx_seq_one_letter_code
_entity_poly.pdbx_strand_id
1 'polypeptide(L)'
;MKTPITEAIAAADTQGRFLSNTELQAVDGRFKRAVASMEAARALTNNAQSLIDGAAQAVYQKFPYTTTMQGSQYASTPEG
KAKCARDIGYYLRMVTYCLVAGGTGPMDEYLIAGLSEINSTFDLSPSWYIEALKYIKANHGLTGQAAVEANAYIDYAINA
LS
;
A
2 'polypeptide(L)'
;MLDAFAKVVAQADARGEFLTNAQFDALSNLVKEGNKRLDAVNRITSNASTIVANAARALFAEQPQLIQPGG(MEN)AYTN
RRMAACLRDMEIILRYVTYAILAGDSSVLDDRCLNGLRETYQALGTPGSSVAVAIQKMKDAAIAIANDPNGITPGDCSAL
MSEIAGYFDRAAAAVA
;
B
#
loop_
_chem_comp.id
_chem_comp.type
_chem_comp.name
_chem_comp.formula
CYC non-polymer PHYCOCYANOBILIN 'C33 H40 N4 O6'
#
# COMPACT_ATOMS: atom_id res chain seq x y z
N MET A 1 -0.80 6.70 -19.25
CA MET A 1 -0.63 5.54 -18.33
C MET A 1 0.50 5.74 -17.33
N LYS A 2 0.21 5.51 -16.06
CA LYS A 2 1.13 5.75 -14.96
C LYS A 2 2.28 4.73 -14.95
N THR A 3 3.48 5.20 -15.34
CA THR A 3 4.75 4.48 -15.17
C THR A 3 5.77 5.42 -14.57
N PRO A 4 6.88 4.88 -14.05
CA PRO A 4 7.92 5.76 -13.49
C PRO A 4 8.34 6.80 -14.50
N ILE A 5 8.38 6.41 -15.77
CA ILE A 5 8.80 7.30 -16.83
C ILE A 5 7.74 8.37 -17.11
N THR A 6 6.48 7.98 -17.29
CA THR A 6 5.43 8.97 -17.51
C THR A 6 5.18 9.89 -16.31
N GLU A 7 5.43 9.42 -15.10
CA GLU A 7 5.29 10.22 -13.90
C GLU A 7 6.39 11.25 -13.83
N ALA A 8 7.58 10.91 -14.28
CA ALA A 8 8.74 11.79 -14.35
C ALA A 8 8.51 12.91 -15.36
N ILE A 9 7.99 12.56 -16.52
CA ILE A 9 7.62 13.53 -17.55
C ILE A 9 6.47 14.43 -17.09
N ALA A 10 5.40 13.83 -16.57
CA ALA A 10 4.25 14.56 -16.04
C ALA A 10 4.64 15.61 -15.00
N ALA A 11 5.62 15.29 -14.18
CA ALA A 11 6.09 16.18 -13.12
C ALA A 11 6.81 17.38 -13.71
N ALA A 12 7.63 17.10 -14.73
CA ALA A 12 8.36 18.13 -15.42
C ALA A 12 7.40 19.00 -16.21
N ASP A 13 6.52 18.35 -16.97
CA ASP A 13 5.62 19.07 -17.86
C ASP A 13 4.61 19.90 -17.07
N THR A 14 4.19 19.41 -15.91
CA THR A 14 3.29 20.16 -15.06
C THR A 14 3.86 21.54 -14.73
N GLN A 15 5.18 21.63 -14.63
CA GLN A 15 5.80 22.87 -14.21
C GLN A 15 6.46 23.60 -15.37
N GLY A 16 6.25 23.11 -16.56
CA GLY A 16 6.82 23.71 -17.74
C GLY A 16 8.31 23.60 -17.70
N ARG A 17 8.81 22.48 -17.25
CA ARG A 17 10.23 22.31 -17.14
C ARG A 17 10.81 21.27 -18.01
N PHE A 18 12.09 21.34 -18.20
CA PHE A 18 12.78 20.36 -18.95
C PHE A 18 13.01 19.39 -17.84
N LEU A 19 13.50 18.21 -18.18
CA LEU A 19 13.76 17.17 -17.19
C LEU A 19 15.11 17.40 -16.50
N SER A 20 15.16 17.12 -15.20
CA SER A 20 16.39 17.28 -14.43
C SER A 20 16.78 16.00 -13.73
N ASN A 21 18.00 15.96 -13.20
CA ASN A 21 18.50 14.79 -12.50
C ASN A 21 17.39 14.34 -11.56
N THR A 22 16.72 15.30 -10.94
CA THR A 22 15.62 14.99 -10.02
C THR A 22 14.63 13.95 -10.62
N GLU A 23 14.58 13.96 -11.94
CA GLU A 23 13.75 13.02 -12.70
C GLU A 23 14.43 11.85 -13.40
N LEU A 24 15.68 12.05 -13.80
CA LEU A 24 16.43 11.02 -14.49
C LEU A 24 16.81 9.90 -13.52
N GLN A 25 17.03 10.26 -12.26
CA GLN A 25 17.30 9.28 -11.19
C GLN A 25 16.16 8.30 -10.99
N ALA A 26 14.93 8.81 -11.06
CA ALA A 26 13.73 8.00 -10.92
C ALA A 26 13.67 6.98 -12.01
N VAL A 27 13.94 7.44 -13.22
CA VAL A 27 13.89 6.61 -14.39
C VAL A 27 15.01 5.57 -14.34
N ASP A 28 16.19 5.98 -13.84
CA ASP A 28 17.27 5.01 -13.70
C ASP A 28 16.89 3.90 -12.74
N GLY A 29 16.20 4.25 -11.65
CA GLY A 29 15.75 3.25 -10.68
C GLY A 29 14.81 2.24 -11.30
N ARG A 30 13.91 2.76 -12.11
CA ARG A 30 13.08 1.95 -12.98
C ARG A 30 13.90 1.01 -13.87
N PHE A 31 14.89 1.54 -14.58
CA PHE A 31 15.68 0.71 -15.48
C PHE A 31 16.43 -0.39 -14.72
N LYS A 32 16.87 -0.09 -13.51
CA LYS A 32 17.64 -1.07 -12.72
C LYS A 32 16.71 -2.12 -12.19
N ARG A 33 15.54 -1.68 -11.73
CA ARG A 33 14.54 -2.57 -11.17
C ARG A 33 13.97 -3.49 -12.22
N ALA A 34 14.03 -3.10 -13.49
CA ALA A 34 13.41 -3.86 -14.56
C ALA A 34 13.93 -5.30 -14.66
N VAL A 35 15.13 -5.54 -14.19
CA VAL A 35 15.70 -6.86 -14.29
C VAL A 35 14.85 -7.82 -13.44
N ALA A 36 14.53 -7.39 -12.22
CA ALA A 36 13.71 -8.19 -11.32
C ALA A 36 12.26 -8.29 -11.78
N SER A 37 11.74 -7.20 -12.31
CA SER A 37 10.35 -7.12 -12.77
C SER A 37 10.13 -8.04 -13.97
N MET A 38 11.08 -8.03 -14.90
CA MET A 38 11.02 -8.83 -16.10
C MET A 38 11.17 -10.31 -15.81
N GLU A 39 12.01 -10.70 -14.85
CA GLU A 39 12.06 -12.10 -14.41
C GLU A 39 10.67 -12.57 -13.98
N ALA A 40 10.04 -11.73 -13.15
CA ALA A 40 8.72 -12.00 -12.56
C ALA A 40 7.63 -12.09 -13.64
N ALA A 41 7.58 -11.08 -14.49
CA ALA A 41 6.65 -11.08 -15.61
C ALA A 41 6.77 -12.31 -16.52
N ARG A 42 7.99 -12.75 -16.78
CA ARG A 42 8.21 -13.89 -17.61
C ARG A 42 7.75 -15.15 -16.96
N ALA A 43 8.10 -15.36 -15.71
CA ALA A 43 7.73 -16.56 -14.97
C ALA A 43 6.24 -16.65 -14.80
N LEU A 44 5.59 -15.53 -14.51
CA LEU A 44 4.13 -15.54 -14.34
C LEU A 44 3.41 -15.82 -15.64
N THR A 45 3.96 -15.30 -16.73
CA THR A 45 3.42 -15.57 -18.06
C THR A 45 3.58 -17.05 -18.43
N ASN A 46 4.78 -17.58 -18.22
CA ASN A 46 5.09 -18.95 -18.61
C ASN A 46 4.24 -19.93 -17.86
N ASN A 47 3.97 -19.62 -16.60
CA ASN A 47 3.16 -20.47 -15.71
C ASN A 47 1.72 -19.99 -15.53
N ALA A 48 1.22 -19.20 -16.49
CA ALA A 48 -0.08 -18.58 -16.29
C ALA A 48 -1.20 -19.60 -16.21
N GLN A 49 -1.22 -20.55 -17.12
CA GLN A 49 -2.32 -21.51 -17.13
C GLN A 49 -2.47 -22.30 -15.81
N SER A 50 -1.36 -22.81 -15.28
CA SER A 50 -1.44 -23.58 -14.03
C SER A 50 -1.78 -22.70 -12.83
N LEU A 51 -1.25 -21.48 -12.82
CA LEU A 51 -1.65 -20.48 -11.83
C LEU A 51 -3.14 -20.16 -11.87
N ILE A 52 -3.67 -19.93 -13.06
CA ILE A 52 -5.09 -19.62 -13.24
C ILE A 52 -5.92 -20.80 -12.79
N ASP A 53 -5.58 -21.99 -13.31
CA ASP A 53 -6.28 -23.21 -12.94
C ASP A 53 -6.23 -23.45 -11.46
N GLY A 54 -5.06 -23.26 -10.86
CA GLY A 54 -4.94 -23.47 -9.44
C GLY A 54 -5.76 -22.46 -8.65
N ALA A 55 -5.72 -21.21 -9.13
CA ALA A 55 -6.39 -20.09 -8.47
C ALA A 55 -7.89 -20.25 -8.48
N ALA A 56 -8.43 -20.64 -9.63
CA ALA A 56 -9.85 -20.93 -9.76
C ALA A 56 -10.32 -21.95 -8.71
N GLN A 57 -9.58 -23.04 -8.54
CA GLN A 57 -9.97 -24.07 -7.60
C GLN A 57 -9.83 -23.64 -6.17
N ALA A 58 -8.83 -22.82 -5.91
CA ALA A 58 -8.67 -22.24 -4.60
C ALA A 58 -9.91 -21.44 -4.21
N VAL A 59 -10.45 -20.69 -5.16
CA VAL A 59 -11.69 -19.97 -4.91
C VAL A 59 -12.84 -20.95 -4.64
N TYR A 60 -13.01 -21.91 -5.52
CA TYR A 60 -14.13 -22.82 -5.42
C TYR A 60 -14.06 -23.58 -4.12
N GLN A 61 -12.83 -23.87 -3.70
CA GLN A 61 -12.58 -24.53 -2.44
C GLN A 61 -13.00 -23.73 -1.23
N LYS A 62 -12.65 -22.45 -1.23
CA LYS A 62 -12.91 -21.60 -0.06
C LYS A 62 -14.36 -21.18 -0.03
N PHE A 63 -14.95 -21.02 -1.21
CA PHE A 63 -16.32 -20.56 -1.38
C PHE A 63 -17.08 -21.58 -2.21
N PRO A 64 -17.35 -22.77 -1.64
CA PRO A 64 -17.99 -23.78 -2.47
C PRO A 64 -19.40 -23.43 -2.92
N TYR A 65 -20.08 -22.51 -2.22
CA TYR A 65 -21.38 -22.07 -2.66
C TYR A 65 -21.35 -21.48 -4.08
N THR A 66 -20.18 -20.98 -4.51
CA THR A 66 -20.02 -20.43 -5.88
C THR A 66 -20.14 -21.48 -6.96
N THR A 67 -19.90 -22.74 -6.60
CA THR A 67 -20.06 -23.81 -7.58
C THR A 67 -21.46 -24.43 -7.56
N THR A 68 -22.32 -24.02 -6.64
CA THR A 68 -23.64 -24.66 -6.46
C THR A 68 -24.83 -23.73 -6.56
N MET A 69 -24.72 -22.50 -6.06
CA MET A 69 -25.86 -21.61 -6.11
C MET A 69 -26.26 -21.27 -7.55
N GLN A 70 -27.56 -21.22 -7.79
CA GLN A 70 -28.08 -20.84 -9.11
C GLN A 70 -27.93 -19.35 -9.29
N GLY A 71 -27.57 -18.92 -10.49
CA GLY A 71 -27.31 -17.53 -10.75
C GLY A 71 -26.22 -17.39 -11.77
N SER A 72 -26.38 -16.44 -12.69
CA SER A 72 -25.33 -16.16 -13.68
C SER A 72 -24.08 -15.55 -13.03
N GLN A 73 -24.20 -15.02 -11.80
CA GLN A 73 -22.99 -14.53 -11.10
C GLN A 73 -22.07 -15.62 -10.56
N TYR A 74 -22.59 -16.84 -10.49
CA TYR A 74 -21.86 -17.95 -9.90
C TYR A 74 -21.24 -18.83 -10.95
N ALA A 75 -20.31 -19.66 -10.49
CA ALA A 75 -19.60 -20.59 -11.35
C ALA A 75 -20.24 -21.98 -11.19
N SER A 76 -21.57 -22.01 -11.27
CA SER A 76 -22.33 -23.22 -11.07
C SER A 76 -22.69 -23.82 -12.42
N THR A 77 -22.25 -23.18 -13.51
CA THR A 77 -22.50 -23.70 -14.84
C THR A 77 -21.18 -23.62 -15.59
N PRO A 78 -21.05 -24.38 -16.68
CA PRO A 78 -19.83 -24.31 -17.47
C PRO A 78 -19.49 -22.91 -17.91
N GLU A 79 -20.49 -22.11 -18.30
CA GLU A 79 -20.27 -20.73 -18.78
C GLU A 79 -19.77 -19.85 -17.64
N GLY A 80 -20.29 -20.08 -16.44
CA GLY A 80 -19.91 -19.33 -15.26
C GLY A 80 -18.48 -19.63 -14.86
N LYS A 81 -18.14 -20.92 -14.86
CA LYS A 81 -16.76 -21.36 -14.64
C LYS A 81 -15.79 -20.78 -15.68
N ALA A 82 -16.22 -20.69 -16.93
CA ALA A 82 -15.37 -20.10 -17.95
C ALA A 82 -15.14 -18.60 -17.71
N LYS A 83 -16.20 -17.88 -17.36
CA LYS A 83 -16.07 -16.46 -17.03
C LYS A 83 -15.18 -16.27 -15.82
N CYS A 84 -15.30 -17.11 -14.80
CA CYS A 84 -14.48 -16.94 -13.62
C CYS A 84 -12.99 -17.08 -13.95
N ALA A 85 -12.62 -18.12 -14.69
CA ALA A 85 -11.24 -18.34 -15.07
C ALA A 85 -10.71 -17.23 -15.97
N ARG A 86 -11.55 -16.76 -16.89
CA ARG A 86 -11.21 -15.59 -17.71
C ARG A 86 -10.83 -14.41 -16.84
N ASP A 87 -11.68 -14.11 -15.85
CA ASP A 87 -11.46 -12.97 -14.99
C ASP A 87 -10.15 -13.11 -14.25
N ILE A 88 -9.86 -14.31 -13.75
CA ILE A 88 -8.64 -14.56 -13.00
C ILE A 88 -7.45 -14.35 -13.91
N GLY A 89 -7.57 -14.84 -15.15
CA GLY A 89 -6.59 -14.60 -16.17
C GLY A 89 -6.37 -13.12 -16.37
N TYR A 90 -7.45 -12.36 -16.42
CA TYR A 90 -7.35 -10.90 -16.53
C TYR A 90 -6.49 -10.33 -15.44
N TYR A 91 -6.81 -10.67 -14.20
CA TYR A 91 -5.99 -10.21 -13.07
C TYR A 91 -4.50 -10.54 -13.23
N LEU A 92 -4.21 -11.80 -13.54
CA LEU A 92 -2.84 -12.24 -13.68
C LEU A 92 -2.13 -11.51 -14.80
N ARG A 93 -2.80 -11.42 -15.93
CA ARG A 93 -2.27 -10.70 -17.09
C ARG A 93 -1.98 -9.22 -16.78
N MET A 94 -2.86 -8.58 -16.03
CA MET A 94 -2.61 -7.22 -15.56
C MET A 94 -1.37 -7.10 -14.65
N VAL A 95 -1.19 -8.08 -13.77
CA VAL A 95 0.03 -8.12 -12.94
C VAL A 95 1.26 -8.12 -13.84
N THR A 96 1.21 -8.90 -14.91
CA THR A 96 2.36 -9.03 -15.78
C THR A 96 2.57 -7.70 -16.50
N TYR A 97 1.49 -7.02 -16.87
CA TYR A 97 1.61 -5.70 -17.47
C TYR A 97 2.24 -4.68 -16.54
N CYS A 98 1.82 -4.70 -15.28
CA CYS A 98 2.37 -3.81 -14.29
C CYS A 98 3.87 -4.01 -14.16
N LEU A 99 4.30 -5.27 -14.21
CA LEU A 99 5.70 -5.61 -14.08
C LEU A 99 6.50 -5.13 -15.29
N VAL A 100 5.98 -5.40 -16.49
CA VAL A 100 6.56 -4.91 -17.74
C VAL A 100 6.62 -3.37 -17.79
N ALA A 101 5.51 -2.71 -17.47
CA ALA A 101 5.45 -1.25 -17.50
C ALA A 101 6.22 -0.59 -16.35
N GLY A 102 6.55 -1.36 -15.31
CA GLY A 102 7.21 -0.81 -14.14
C GLY A 102 6.32 0.04 -13.27
N GLY A 103 5.00 -0.11 -13.36
CA GLY A 103 4.11 0.63 -12.46
C GLY A 103 2.68 0.12 -12.49
N THR A 104 1.82 0.77 -11.70
CA THR A 104 0.40 0.35 -11.57
C THR A 104 -0.51 0.75 -12.75
N GLY A 105 -0.02 1.64 -13.62
CA GLY A 105 -0.82 2.16 -14.74
C GLY A 105 -1.77 1.18 -15.41
N PRO A 106 -1.24 0.05 -15.92
CA PRO A 106 -2.13 -0.84 -16.67
C PRO A 106 -3.28 -1.37 -15.83
N MET A 107 -2.97 -1.82 -14.61
CA MET A 107 -4.01 -2.30 -13.72
C MET A 107 -5.00 -1.20 -13.36
N ASP A 108 -4.48 -0.02 -13.02
CA ASP A 108 -5.33 1.15 -12.75
C ASP A 108 -6.29 1.43 -13.88
N GLU A 109 -5.77 1.39 -15.10
CA GLU A 109 -6.51 1.83 -16.27
C GLU A 109 -7.49 0.78 -16.76
N TYR A 110 -7.01 -0.46 -16.87
CA TYR A 110 -7.79 -1.51 -17.52
C TYR A 110 -8.68 -2.25 -16.55
N LEU A 111 -8.29 -2.29 -15.28
CA LEU A 111 -9.01 -3.12 -14.29
C LEU A 111 -9.59 -2.38 -13.09
N ILE A 112 -8.83 -1.51 -12.44
CA ILE A 112 -9.31 -0.90 -11.16
C ILE A 112 -10.39 0.15 -11.32
N ALA A 113 -10.20 1.03 -12.29
CA ALA A 113 -11.20 2.01 -12.65
C ALA A 113 -12.46 1.30 -13.13
N GLY A 114 -13.55 1.51 -12.40
CA GLY A 114 -14.84 0.88 -12.66
C GLY A 114 -15.06 -0.36 -11.82
N LEU A 115 -14.04 -0.80 -11.09
CA LEU A 115 -14.07 -2.14 -10.49
C LEU A 115 -15.22 -2.35 -9.53
N SER A 116 -15.37 -1.45 -8.56
CA SER A 116 -16.47 -1.54 -7.56
C SER A 116 -17.87 -1.49 -8.18
N GLU A 117 -18.02 -0.66 -9.20
CA GLU A 117 -19.29 -0.56 -9.93
C GLU A 117 -19.61 -1.88 -10.63
N ILE A 118 -18.63 -2.45 -11.31
CA ILE A 118 -18.81 -3.70 -12.01
C ILE A 118 -19.08 -4.83 -11.05
N ASN A 119 -18.32 -4.88 -9.96
CA ASN A 119 -18.52 -5.93 -8.98
C ASN A 119 -19.89 -5.83 -8.34
N SER A 120 -20.34 -4.61 -8.05
CA SER A 120 -21.64 -4.47 -7.39
C SER A 120 -22.78 -4.72 -8.38
N THR A 121 -22.62 -4.26 -9.63
CA THR A 121 -23.66 -4.45 -10.63
C THR A 121 -23.87 -5.91 -11.00
N PHE A 122 -22.79 -6.66 -11.12
CA PHE A 122 -22.89 -8.06 -11.56
C PHE A 122 -22.88 -9.05 -10.39
N ASP A 123 -22.96 -8.52 -9.18
CA ASP A 123 -22.99 -9.31 -7.95
C ASP A 123 -21.80 -10.25 -7.79
N LEU A 124 -20.61 -9.74 -8.08
CA LEU A 124 -19.36 -10.49 -7.90
C LEU A 124 -18.71 -10.09 -6.56
N SER A 125 -18.38 -11.04 -5.69
CA SER A 125 -17.70 -10.69 -4.41
C SER A 125 -16.24 -10.37 -4.61
N PRO A 126 -15.81 -9.19 -4.14
CA PRO A 126 -14.38 -8.95 -4.08
C PRO A 126 -13.60 -10.09 -3.40
N SER A 127 -14.19 -10.68 -2.34
CA SER A 127 -13.49 -11.71 -1.58
C SER A 127 -13.08 -12.91 -2.45
N TRP A 128 -13.84 -13.18 -3.51
CA TRP A 128 -13.49 -14.23 -4.48
C TRP A 128 -12.16 -13.96 -5.18
N TYR A 129 -12.02 -12.75 -5.68
CA TYR A 129 -10.82 -12.38 -6.41
C TYR A 129 -9.62 -12.25 -5.49
N ILE A 130 -9.86 -11.79 -4.26
CA ILE A 130 -8.78 -11.76 -3.28
C ILE A 130 -8.25 -13.18 -3.04
N GLU A 131 -9.14 -14.17 -2.92
CA GLU A 131 -8.65 -15.51 -2.65
C GLU A 131 -7.81 -15.98 -3.81
N ALA A 132 -8.27 -15.68 -5.02
CA ALA A 132 -7.56 -16.08 -6.24
C ALA A 132 -6.17 -15.48 -6.25
N LEU A 133 -6.11 -14.20 -5.88
CA LEU A 133 -4.88 -13.46 -5.84
C LEU A 133 -3.97 -13.96 -4.75
N LYS A 134 -4.52 -14.33 -3.60
CA LYS A 134 -3.70 -14.91 -2.53
C LYS A 134 -3.08 -16.24 -2.95
N TYR A 135 -3.80 -17.01 -3.76
CA TYR A 135 -3.28 -18.26 -4.28
C TYR A 135 -2.10 -18.00 -5.19
N ILE A 136 -2.26 -17.02 -6.07
CA ILE A 136 -1.21 -16.72 -7.03
C ILE A 136 0.05 -16.25 -6.32
N LYS A 137 -0.15 -15.39 -5.33
CA LYS A 137 0.92 -14.92 -4.45
C LYS A 137 1.69 -16.05 -3.76
N ALA A 138 0.94 -17.02 -3.26
CA ALA A 138 1.48 -18.15 -2.49
C ALA A 138 2.24 -19.12 -3.38
N ASN A 139 1.83 -19.25 -4.65
CA ASN A 139 2.28 -20.33 -5.49
C ASN A 139 3.00 -19.93 -6.77
N HIS A 140 3.38 -18.67 -6.89
CA HIS A 140 4.05 -18.19 -8.12
C HIS A 140 5.48 -18.74 -8.29
N GLY A 141 6.07 -19.23 -7.20
CA GLY A 141 7.38 -19.90 -7.27
C GLY A 141 8.58 -18.98 -7.47
N LEU A 142 8.35 -17.68 -7.39
CA LEU A 142 9.38 -16.66 -7.43
C LEU A 142 10.00 -16.49 -6.07
N THR A 143 11.29 -16.19 -6.07
CA THR A 143 11.98 -15.84 -4.83
C THR A 143 12.77 -14.57 -5.03
N GLY A 144 13.34 -14.03 -3.96
CA GLY A 144 14.15 -12.82 -4.06
C GLY A 144 13.35 -11.61 -4.50
N GLN A 145 13.98 -10.74 -5.28
CA GLN A 145 13.35 -9.49 -5.64
C GLN A 145 12.31 -9.67 -6.73
N ALA A 146 12.43 -10.72 -7.53
CA ALA A 146 11.36 -11.07 -8.47
C ALA A 146 10.05 -11.31 -7.73
N ALA A 147 10.10 -11.95 -6.56
CA ALA A 147 8.89 -12.17 -5.78
C ALA A 147 8.38 -10.89 -5.14
N VAL A 148 9.29 -10.00 -4.75
CA VAL A 148 8.89 -8.72 -4.17
C VAL A 148 8.11 -7.92 -5.19
N GLU A 149 8.57 -7.96 -6.44
CA GLU A 149 7.91 -7.27 -7.55
C GLU A 149 6.52 -7.81 -7.83
N ALA A 150 6.41 -9.12 -7.99
CA ALA A 150 5.12 -9.74 -8.27
C ALA A 150 4.14 -9.47 -7.13
N ASN A 151 4.59 -9.67 -5.91
CA ASN A 151 3.73 -9.46 -4.75
C ASN A 151 3.28 -8.02 -4.54
N ALA A 152 4.12 -7.05 -4.89
CA ALA A 152 3.73 -5.65 -4.79
C ALA A 152 2.48 -5.36 -5.63
N TYR A 153 2.42 -5.92 -6.84
CA TYR A 153 1.28 -5.67 -7.73
C TYR A 153 0.07 -6.54 -7.42
N ILE A 154 0.33 -7.75 -6.94
CA ILE A 154 -0.75 -8.59 -6.47
C ILE A 154 -1.43 -7.96 -5.24
N ASP A 155 -0.65 -7.55 -4.25
CA ASP A 155 -1.21 -6.88 -3.06
C ASP A 155 -1.89 -5.56 -3.38
N TYR A 156 -1.42 -4.90 -4.43
CA TYR A 156 -2.05 -3.68 -4.89
C TYR A 156 -3.47 -3.97 -5.34
N ALA A 157 -3.62 -5.03 -6.12
CA ALA A 157 -4.94 -5.50 -6.49
C ALA A 157 -5.78 -5.89 -5.25
N ILE A 158 -5.17 -6.57 -4.31
CA ILE A 158 -5.92 -6.95 -3.11
C ILE A 158 -6.41 -5.70 -2.39
N ASN A 159 -5.54 -4.72 -2.26
CA ASN A 159 -5.93 -3.47 -1.63
C ASN A 159 -7.06 -2.76 -2.40
N ALA A 160 -6.99 -2.77 -3.72
CA ALA A 160 -8.05 -2.19 -4.53
C ALA A 160 -9.37 -2.91 -4.34
N LEU A 161 -9.34 -4.18 -3.95
CA LEU A 161 -10.56 -4.97 -3.72
C LEU A 161 -11.07 -4.93 -2.29
N SER A 162 -10.42 -4.13 -1.44
CA SER A 162 -10.78 -4.02 -0.03
C SER A 162 -11.37 -2.60 0.21
N MET B 1 7.68 20.30 1.69
CA MET B 1 7.93 19.25 2.65
C MET B 1 9.37 18.92 2.52
N LEU B 2 9.94 18.32 3.54
CA LEU B 2 11.34 18.01 3.50
C LEU B 2 11.60 16.55 3.70
N ASP B 3 12.79 16.14 3.31
CA ASP B 3 13.19 14.78 3.50
C ASP B 3 14.48 14.82 4.25
N ALA B 4 14.88 13.71 4.81
CA ALA B 4 16.10 13.66 5.57
C ALA B 4 17.25 14.36 4.99
N PHE B 5 17.28 14.50 3.69
CA PHE B 5 18.43 15.08 3.04
C PHE B 5 18.26 16.59 2.91
N ALA B 6 17.09 16.99 2.48
CA ALA B 6 16.76 18.39 2.36
C ALA B 6 16.73 19.04 3.73
N LYS B 7 16.39 18.26 4.75
CA LYS B 7 16.36 18.76 6.12
C LYS B 7 17.74 19.26 6.52
N VAL B 8 18.76 18.46 6.22
CA VAL B 8 20.15 18.79 6.52
C VAL B 8 20.61 20.00 5.69
N VAL B 9 20.24 20.02 4.42
CA VAL B 9 20.62 21.11 3.52
C VAL B 9 20.01 22.42 4.02
N ALA B 10 18.78 22.34 4.49
CA ALA B 10 18.06 23.53 4.96
C ALA B 10 18.70 24.10 6.20
N GLN B 11 19.17 23.21 7.08
CA GLN B 11 19.87 23.66 8.29
C GLN B 11 21.18 24.28 7.92
N ALA B 12 21.87 23.69 6.94
CA ALA B 12 23.17 24.18 6.51
C ALA B 12 23.06 25.56 5.89
N ASP B 13 22.06 25.75 5.03
CA ASP B 13 21.89 27.02 4.36
C ASP B 13 21.60 28.13 5.34
N ALA B 14 20.84 27.82 6.38
CA ALA B 14 20.50 28.82 7.40
C ALA B 14 21.76 29.37 8.07
N ARG B 15 22.78 28.53 8.16
CA ARG B 15 24.06 28.92 8.70
C ARG B 15 25.03 29.41 7.62
N GLY B 16 24.71 29.19 6.34
CA GLY B 16 25.57 29.63 5.26
C GLY B 16 26.78 28.74 5.11
N GLU B 17 26.60 27.47 5.43
CA GLU B 17 27.73 26.57 5.52
C GLU B 17 27.69 25.43 4.53
N PHE B 18 28.88 24.99 4.17
CA PHE B 18 29.03 23.77 3.43
C PHE B 18 28.80 22.61 4.40
N LEU B 19 28.56 21.42 3.88
CA LEU B 19 28.36 20.29 4.76
C LEU B 19 29.70 19.89 5.38
N THR B 20 29.66 19.45 6.62
CA THR B 20 30.83 18.90 7.27
C THR B 20 30.97 17.43 6.95
N ASN B 21 32.17 16.91 7.22
CA ASN B 21 32.46 15.51 7.00
C ASN B 21 31.48 14.71 7.81
N ALA B 22 31.25 15.11 9.04
CA ALA B 22 30.26 14.39 9.86
C ALA B 22 28.86 14.24 9.25
N GLN B 23 28.39 15.30 8.61
CA GLN B 23 27.08 15.30 7.96
C GLN B 23 27.02 14.41 6.72
N PHE B 24 28.09 14.42 5.93
CA PHE B 24 28.18 13.53 4.79
C PHE B 24 28.09 12.09 5.29
N ASP B 25 28.83 11.78 6.35
CA ASP B 25 28.86 10.43 6.91
C ASP B 25 27.48 10.01 7.34
N ALA B 26 26.81 10.87 8.13
CA ALA B 26 25.43 10.61 8.54
C ALA B 26 24.56 10.27 7.33
N LEU B 27 24.56 11.18 6.37
CA LEU B 27 23.72 10.99 5.19
C LEU B 27 24.11 9.76 4.37
N SER B 28 25.39 9.42 4.35
CA SER B 28 25.81 8.17 3.68
C SER B 28 25.22 6.94 4.33
N ASN B 29 25.16 6.92 5.67
CA ASN B 29 24.48 5.85 6.42
C ASN B 29 23.02 5.76 6.05
N LEU B 30 22.35 6.91 5.94
CA LEU B 30 20.94 6.92 5.52
C LEU B 30 20.77 6.18 4.20
N VAL B 31 21.65 6.48 3.25
CA VAL B 31 21.61 5.87 1.95
C VAL B 31 21.89 4.38 2.08
N LYS B 32 22.90 4.02 2.89
CA LYS B 32 23.22 2.62 3.16
C LYS B 32 22.04 1.85 3.80
N GLU B 33 21.17 2.54 4.52
CA GLU B 33 20.01 1.90 5.18
C GLU B 33 18.74 1.96 4.34
N GLY B 34 18.88 2.40 3.10
CA GLY B 34 17.75 2.70 2.25
C GLY B 34 16.88 1.52 1.88
N ASN B 35 17.49 0.40 1.55
CA ASN B 35 16.77 -0.83 1.22
C ASN B 35 15.76 -1.20 2.31
N LYS B 36 16.17 -1.06 3.56
CA LYS B 36 15.32 -1.45 4.69
C LYS B 36 14.08 -0.57 4.75
N ARG B 37 14.33 0.71 4.55
CA ARG B 37 13.28 1.70 4.50
C ARG B 37 12.28 1.40 3.35
N LEU B 38 12.78 1.00 2.19
CA LEU B 38 11.91 0.65 1.06
C LEU B 38 11.08 -0.60 1.40
N ASP B 39 11.68 -1.56 2.08
CA ASP B 39 10.92 -2.76 2.49
C ASP B 39 9.78 -2.40 3.45
N ALA B 40 10.08 -1.56 4.42
CA ALA B 40 9.10 -1.14 5.40
C ALA B 40 7.94 -0.49 4.70
N VAL B 41 8.24 0.49 3.85
CA VAL B 41 7.19 1.23 3.16
C VAL B 41 6.32 0.29 2.31
N ASN B 42 6.99 -0.52 1.49
CA ASN B 42 6.33 -1.57 0.72
C ASN B 42 5.40 -2.45 1.55
N ARG B 43 5.94 -3.02 2.61
CA ARG B 43 5.20 -3.93 3.45
C ARG B 43 3.98 -3.29 4.12
N ILE B 44 4.16 -2.10 4.69
CA ILE B 44 3.04 -1.44 5.35
C ILE B 44 1.99 -1.09 4.31
N THR B 45 2.44 -0.54 3.19
CA THR B 45 1.55 -0.13 2.10
C THR B 45 0.81 -1.33 1.50
N SER B 46 1.53 -2.45 1.34
CA SER B 46 0.99 -3.67 0.73
C SER B 46 -0.07 -4.29 1.59
N ASN B 47 -0.15 -3.89 2.85
CA ASN B 47 -1.12 -4.45 3.80
C ASN B 47 -2.03 -3.39 4.40
N ALA B 48 -2.12 -2.24 3.73
CA ALA B 48 -2.83 -1.08 4.25
C ALA B 48 -4.30 -1.37 4.60
N SER B 49 -4.95 -2.18 3.78
CA SER B 49 -6.38 -2.44 3.97
C SER B 49 -6.65 -3.22 5.22
N THR B 50 -5.83 -4.25 5.46
CA THR B 50 -6.02 -5.11 6.63
C THR B 50 -5.60 -4.39 7.88
N ILE B 51 -4.53 -3.61 7.80
CA ILE B 51 -4.09 -2.84 8.97
C ILE B 51 -5.22 -1.97 9.46
N VAL B 52 -5.85 -1.27 8.53
CA VAL B 52 -6.93 -0.34 8.88
C VAL B 52 -8.12 -1.10 9.41
N ALA B 53 -8.59 -2.08 8.64
CA ALA B 53 -9.82 -2.76 9.00
C ALA B 53 -9.65 -3.51 10.33
N ASN B 54 -8.50 -4.15 10.54
CA ASN B 54 -8.29 -4.86 11.81
C ASN B 54 -8.18 -3.91 12.98
N ALA B 55 -7.64 -2.72 12.76
CA ALA B 55 -7.53 -1.71 13.81
C ALA B 55 -8.89 -1.08 14.14
N ALA B 56 -9.68 -0.83 13.11
CA ALA B 56 -11.06 -0.39 13.28
C ALA B 56 -11.86 -1.41 14.10
N ARG B 57 -11.84 -2.68 13.68
CA ARG B 57 -12.58 -3.73 14.39
C ARG B 57 -12.19 -3.79 15.84
N ALA B 58 -10.89 -3.72 16.10
CA ALA B 58 -10.39 -3.75 17.47
C ALA B 58 -10.84 -2.52 18.29
N LEU B 59 -10.79 -1.34 17.67
CA LEU B 59 -11.29 -0.12 18.31
C LEU B 59 -12.76 -0.27 18.73
N PHE B 60 -13.62 -0.68 17.82
CA PHE B 60 -15.05 -0.71 18.09
C PHE B 60 -15.42 -1.81 19.08
N ALA B 61 -14.64 -2.87 19.09
CA ALA B 61 -14.77 -3.91 20.13
C ALA B 61 -14.43 -3.38 21.52
N GLU B 62 -13.40 -2.55 21.62
CA GLU B 62 -12.99 -1.98 22.91
C GLU B 62 -13.83 -0.79 23.31
N GLN B 63 -14.36 -0.06 22.34
CA GLN B 63 -15.17 1.13 22.61
C GLN B 63 -16.48 1.05 21.84
N PRO B 64 -17.38 0.15 22.26
CA PRO B 64 -18.66 0.01 21.53
C PRO B 64 -19.56 1.26 21.53
N GLN B 65 -19.37 2.18 22.48
CA GLN B 65 -20.09 3.45 22.47
C GLN B 65 -19.92 4.25 21.16
N LEU B 66 -18.82 4.07 20.49
CA LEU B 66 -18.55 4.76 19.24
C LEU B 66 -19.45 4.33 18.13
N ILE B 67 -19.99 3.13 18.22
CA ILE B 67 -20.84 2.64 17.18
C ILE B 67 -22.25 2.38 17.61
N GLN B 68 -22.64 2.91 18.76
CA GLN B 68 -23.98 2.77 19.26
C GLN B 68 -24.63 3.95 18.69
N PRO B 69 -25.91 3.89 18.49
CA PRO B 69 -26.59 5.05 17.94
C PRO B 69 -26.29 6.28 18.80
N GLY B 70 -26.19 7.44 18.15
CA GLY B 70 -25.92 8.68 18.86
C GLY B 70 -24.42 8.91 19.04
N GLY B 71 -23.62 7.97 18.58
CA GLY B 71 -22.18 8.08 18.69
C GLY B 71 -21.56 8.88 17.57
N MEN B 72 -20.27 8.70 17.36
CA MEN B 72 -19.56 9.40 16.31
C MEN B 72 -19.25 8.46 15.18
O MEN B 72 -19.20 8.90 14.01
CB MEN B 72 -18.25 9.97 16.86
CG MEN B 72 -17.83 11.17 16.05
OD1 MEN B 72 -16.69 11.27 15.62
ND2 MEN B 72 -18.77 12.10 15.84
CE2 MEN B 72 -18.53 13.22 14.96
N ALA B 73 -19.08 7.18 15.49
CA ALA B 73 -18.79 6.18 14.48
C ALA B 73 -20.05 5.45 14.05
N TYR B 74 -21.21 6.01 14.40
CA TYR B 74 -22.48 5.41 14.05
C TYR B 74 -23.03 6.11 12.80
N THR B 75 -23.77 5.35 12.00
CA THR B 75 -24.15 5.68 10.61
C THR B 75 -23.00 5.35 9.65
N ASN B 76 -23.31 4.96 8.42
CA ASN B 76 -22.27 4.60 7.45
C ASN B 76 -21.41 5.77 7.03
N ARG B 77 -21.99 6.96 6.91
CA ARG B 77 -21.20 8.14 6.57
C ARG B 77 -20.14 8.41 7.63
N ARG B 78 -20.50 8.30 8.90
CA ARG B 78 -19.54 8.56 9.95
C ARG B 78 -18.53 7.45 10.06
N MET B 79 -19.00 6.21 9.96
CA MET B 79 -18.09 5.07 9.85
C MET B 79 -17.09 5.29 8.69
N ALA B 80 -17.59 5.67 7.52
CA ALA B 80 -16.76 5.78 6.30
C ALA B 80 -15.65 6.79 6.50
N ALA B 81 -16.06 7.93 7.07
CA ALA B 81 -15.14 9.04 7.38
C ALA B 81 -14.08 8.65 8.40
N CYS B 82 -14.48 7.83 9.39
CA CYS B 82 -13.56 7.32 10.40
C CYS B 82 -12.46 6.41 9.81
N LEU B 83 -12.91 5.42 9.04
CA LEU B 83 -12.02 4.50 8.30
C LEU B 83 -11.11 5.27 7.37
N ARG B 84 -11.70 6.24 6.69
CA ARG B 84 -10.97 7.15 5.83
C ARG B 84 -9.84 7.84 6.57
N ASP B 85 -10.15 8.46 7.71
CA ASP B 85 -9.14 9.10 8.55
C ASP B 85 -8.01 8.17 8.94
N MET B 86 -8.34 6.92 9.26
CA MET B 86 -7.33 5.92 9.62
C MET B 86 -6.47 5.62 8.41
N GLU B 87 -7.10 5.56 7.24
CA GLU B 87 -6.38 5.36 6.00
C GLU B 87 -5.46 6.54 5.71
N ILE B 88 -5.97 7.75 5.93
CA ILE B 88 -5.24 8.99 5.66
C ILE B 88 -3.99 9.05 6.55
N ILE B 89 -4.18 8.79 7.84
CA ILE B 89 -3.07 8.86 8.80
C ILE B 89 -2.01 7.84 8.44
N LEU B 90 -2.41 6.59 8.29
CA LEU B 90 -1.48 5.56 7.82
C LEU B 90 -0.73 6.01 6.55
N ARG B 91 -1.46 6.60 5.59
CA ARG B 91 -0.87 7.11 4.36
C ARG B 91 0.28 8.13 4.59
N TYR B 92 -0.03 9.18 5.35
CA TYR B 92 0.97 10.20 5.70
C TYR B 92 2.11 9.67 6.53
N VAL B 93 1.82 8.69 7.37
CA VAL B 93 2.90 8.08 8.14
C VAL B 93 3.84 7.37 7.15
N THR B 94 3.29 6.63 6.20
CA THR B 94 4.14 5.95 5.21
C THR B 94 4.97 6.94 4.36
N TYR B 95 4.39 8.09 3.97
CA TYR B 95 5.17 9.16 3.34
C TYR B 95 6.37 9.54 4.18
N ALA B 96 6.10 9.74 5.48
CA ALA B 96 7.12 10.14 6.45
C ALA B 96 8.22 9.11 6.53
N ILE B 97 7.85 7.84 6.48
CA ILE B 97 8.81 6.77 6.55
C ILE B 97 9.70 6.82 5.32
N LEU B 98 9.12 7.03 4.15
CA LEU B 98 9.90 7.12 2.92
C LEU B 98 10.87 8.28 2.98
N ALA B 99 10.37 9.43 3.42
CA ALA B 99 11.17 10.67 3.44
C ALA B 99 12.21 10.67 4.52
N GLY B 100 12.00 9.92 5.60
CA GLY B 100 12.89 9.97 6.75
C GLY B 100 12.79 11.28 7.51
N ASP B 101 11.64 11.94 7.38
CA ASP B 101 11.36 13.19 8.10
C ASP B 101 9.83 13.36 8.21
N SER B 102 9.36 14.00 9.28
CA SER B 102 7.92 14.08 9.54
C SER B 102 7.25 15.31 8.92
N SER B 103 8.00 16.14 8.21
CA SER B 103 7.44 17.42 7.82
C SER B 103 6.17 17.21 7.00
N VAL B 104 6.16 16.24 6.08
CA VAL B 104 4.94 15.95 5.32
C VAL B 104 3.78 15.57 6.24
N LEU B 105 4.05 14.79 7.26
CA LEU B 105 3.03 14.35 8.16
C LEU B 105 2.52 15.48 8.97
N ASP B 106 3.45 16.18 9.58
CA ASP B 106 3.11 17.31 10.38
C ASP B 106 2.35 18.28 9.54
N ASP B 107 2.99 18.80 8.54
CA ASP B 107 2.36 19.79 7.68
C ASP B 107 1.05 19.44 7.08
N ARG B 108 1.09 18.48 6.19
CA ARG B 108 -0.08 18.08 5.44
C ARG B 108 -1.11 17.24 6.13
N CYS B 109 -0.85 16.74 7.30
CA CYS B 109 -1.81 15.91 7.98
C CYS B 109 -2.20 16.26 9.36
N LEU B 110 -1.20 16.42 10.20
CA LEU B 110 -1.34 16.61 11.63
C LEU B 110 -1.74 18.00 12.10
N ASN B 111 -1.48 19.05 11.34
CA ASN B 111 -1.72 20.41 11.84
C ASN B 111 -3.16 20.80 11.67
N GLY B 112 -3.77 21.26 12.75
CA GLY B 112 -5.19 21.60 12.74
C GLY B 112 -6.09 20.40 12.94
N LEU B 113 -5.51 19.21 13.04
CA LEU B 113 -6.30 18.02 13.15
C LEU B 113 -6.95 17.94 14.51
N ARG B 114 -6.24 18.27 15.60
CA ARG B 114 -6.87 18.25 16.94
C ARG B 114 -8.09 19.19 16.97
N GLU B 115 -7.88 20.40 16.48
CA GLU B 115 -8.91 21.44 16.49
C GLU B 115 -10.09 20.97 15.63
N THR B 116 -9.81 20.27 14.54
CA THR B 116 -10.83 19.72 13.66
C THR B 116 -11.72 18.71 14.37
N TYR B 117 -11.08 17.74 15.03
CA TYR B 117 -11.81 16.77 15.84
C TYR B 117 -12.57 17.43 16.98
N GLN B 118 -11.95 18.39 17.65
CA GLN B 118 -12.65 19.13 18.70
C GLN B 118 -13.90 19.85 18.20
N ALA B 119 -13.83 20.44 17.02
CA ALA B 119 -15.01 21.09 16.42
C ALA B 119 -16.15 20.09 16.07
N LEU B 120 -15.78 18.90 15.60
CA LEU B 120 -16.77 17.89 15.18
C LEU B 120 -17.41 17.11 16.34
N GLY B 121 -16.72 17.05 17.47
CA GLY B 121 -17.11 16.21 18.58
C GLY B 121 -16.52 14.81 18.50
N THR B 122 -15.54 14.62 17.62
CA THR B 122 -14.84 13.33 17.51
C THR B 122 -13.83 13.18 18.64
N PRO B 123 -13.96 12.12 19.44
CA PRO B 123 -13.01 12.01 20.55
C PRO B 123 -11.58 11.68 20.07
N GLY B 124 -10.69 12.65 20.21
CA GLY B 124 -9.29 12.48 19.87
C GLY B 124 -8.62 11.28 20.53
N SER B 125 -8.96 11.03 21.79
CA SER B 125 -8.35 9.91 22.51
C SER B 125 -8.63 8.59 21.80
N SER B 126 -9.82 8.49 21.19
CA SER B 126 -10.19 7.29 20.46
C SER B 126 -9.40 7.18 19.17
N VAL B 127 -9.18 8.32 18.52
CA VAL B 127 -8.42 8.29 17.29
C VAL B 127 -7.01 7.81 17.66
N ALA B 128 -6.48 8.31 18.78
CA ALA B 128 -5.12 7.98 19.18
C ALA B 128 -5.02 6.47 19.37
N VAL B 129 -6.07 5.89 19.94
CA VAL B 129 -6.11 4.45 20.15
C VAL B 129 -6.01 3.71 18.82
N ALA B 130 -6.82 4.13 17.85
CA ALA B 130 -6.76 3.54 16.51
C ALA B 130 -5.38 3.65 15.88
N ILE B 131 -4.72 4.79 16.11
CA ILE B 131 -3.41 5.00 15.56
C ILE B 131 -2.44 3.99 16.18
N GLN B 132 -2.56 3.79 17.48
CA GLN B 132 -1.64 2.88 18.18
C GLN B 132 -1.85 1.45 17.71
N LYS B 133 -3.10 1.11 17.40
CA LYS B 133 -3.35 -0.24 16.92
C LYS B 133 -2.70 -0.43 15.58
N MET B 134 -2.88 0.55 14.70
CA MET B 134 -2.24 0.50 13.39
C MET B 134 -0.73 0.42 13.51
N LYS B 135 -0.20 1.13 14.50
CA LYS B 135 1.23 1.12 14.74
C LYS B 135 1.74 -0.27 15.02
N ASP B 136 1.07 -0.95 15.95
CA ASP B 136 1.53 -2.28 16.38
C ASP B 136 1.44 -3.25 15.23
N ALA B 137 0.36 -3.13 14.44
CA ALA B 137 0.20 -3.97 13.26
C ALA B 137 1.22 -3.65 12.19
N ALA B 138 1.44 -2.36 11.94
CA ALA B 138 2.33 -1.92 10.88
C ALA B 138 3.72 -2.42 11.19
N ILE B 139 4.14 -2.28 12.44
CA ILE B 139 5.47 -2.67 12.83
C ILE B 139 5.65 -4.19 12.74
N ALA B 140 4.69 -4.97 13.22
CA ALA B 140 4.78 -6.43 13.11
C ALA B 140 4.93 -6.90 11.67
N ILE B 141 4.17 -6.28 10.76
CA ILE B 141 4.24 -6.56 9.32
C ILE B 141 5.56 -6.10 8.73
N ALA B 142 5.99 -4.90 9.07
CA ALA B 142 7.24 -4.38 8.50
C ALA B 142 8.45 -5.16 8.99
N ASN B 143 8.43 -5.63 10.24
CA ASN B 143 9.61 -6.23 10.83
C ASN B 143 9.58 -7.76 10.83
N ASP B 144 8.67 -8.34 10.05
CA ASP B 144 8.46 -9.79 9.96
C ASP B 144 9.66 -10.39 9.28
N PRO B 145 10.37 -11.33 9.95
CA PRO B 145 11.63 -11.90 9.42
C PRO B 145 11.41 -12.82 8.22
N ASN B 146 10.17 -13.25 7.98
CA ASN B 146 9.89 -14.16 6.88
C ASN B 146 9.93 -13.45 5.53
N GLY B 147 10.55 -14.09 4.56
CA GLY B 147 10.49 -13.68 3.17
C GLY B 147 11.33 -12.48 2.84
N ILE B 148 12.45 -12.32 3.54
CA ILE B 148 13.28 -11.13 3.37
C ILE B 148 14.70 -11.43 3.82
N THR B 149 15.69 -10.76 3.22
CA THR B 149 17.10 -10.93 3.60
C THR B 149 17.27 -10.54 5.06
N PRO B 150 17.79 -11.46 5.89
CA PRO B 150 17.94 -11.15 7.30
C PRO B 150 18.92 -10.01 7.57
N GLY B 151 18.54 -9.17 8.52
CA GLY B 151 19.42 -8.20 9.14
C GLY B 151 18.66 -7.52 10.26
N ASP B 152 19.25 -6.47 10.81
CA ASP B 152 18.62 -5.72 11.89
C ASP B 152 17.96 -4.44 11.36
N CYS B 153 16.67 -4.26 11.61
CA CYS B 153 15.94 -3.06 11.18
C CYS B 153 15.46 -2.24 12.37
N SER B 154 16.05 -2.50 13.53
CA SER B 154 15.48 -2.05 14.82
C SER B 154 15.41 -0.52 14.89
N ALA B 155 16.47 0.14 14.45
CA ALA B 155 16.53 1.58 14.47
C ALA B 155 15.38 2.17 13.71
N LEU B 156 15.18 1.64 12.49
CA LEU B 156 14.09 2.03 11.59
C LEU B 156 12.71 1.79 12.21
N MET B 157 12.50 0.64 12.84
CA MET B 157 11.22 0.38 13.52
C MET B 157 10.93 1.42 14.62
N SER B 158 11.96 1.82 15.32
CA SER B 158 11.81 2.85 16.32
C SER B 158 11.45 4.20 15.69
N GLU B 159 12.07 4.51 14.57
CA GLU B 159 11.76 5.74 13.83
C GLU B 159 10.30 5.67 13.41
N ILE B 160 9.93 4.56 12.77
CA ILE B 160 8.54 4.30 12.34
C ILE B 160 7.56 4.45 13.50
N ALA B 161 7.89 3.82 14.62
CA ALA B 161 7.06 3.92 15.84
C ALA B 161 6.89 5.39 16.25
N GLY B 162 7.99 6.14 16.13
CA GLY B 162 8.00 7.58 16.35
C GLY B 162 7.02 8.38 15.54
N TYR B 163 6.86 8.08 14.26
CA TYR B 163 5.85 8.77 13.42
C TYR B 163 4.43 8.46 13.90
N PHE B 164 4.17 7.18 14.18
CA PHE B 164 2.88 6.78 14.72
C PHE B 164 2.57 7.45 16.04
N ASP B 165 3.53 7.43 16.97
CA ASP B 165 3.35 8.09 18.29
C ASP B 165 3.10 9.59 18.14
N ARG B 166 3.79 10.19 17.17
CA ARG B 166 3.71 11.61 16.88
C ARG B 166 2.28 11.97 16.46
N ALA B 167 1.78 11.16 15.55
CA ALA B 167 0.42 11.30 15.06
C ALA B 167 -0.58 11.10 16.18
N ALA B 168 -0.34 10.10 17.02
CA ALA B 168 -1.26 9.85 18.13
C ALA B 168 -1.24 10.99 19.15
N ALA B 169 -0.06 11.57 19.36
CA ALA B 169 0.10 12.70 20.26
C ALA B 169 -0.67 13.90 19.72
N ALA B 170 -0.63 14.09 18.40
CA ALA B 170 -1.23 15.27 17.77
C ALA B 170 -2.74 15.35 17.96
N VAL B 171 -3.39 14.22 18.14
CA VAL B 171 -4.84 14.20 18.31
C VAL B 171 -5.31 13.96 19.76
N ALA B 172 -4.46 13.35 20.59
CA ALA B 172 -4.87 12.85 21.92
C ALA B 172 -4.96 13.97 22.93
CHA CYC C . -18.81 -11.38 -15.14
NA CYC C . -16.42 -10.43 -14.89
C1A CYC C . -17.89 -10.45 -15.24
C2A CYC C . -18.24 -9.10 -15.84
C3A CYC C . -17.03 -8.26 -15.85
C4A CYC C . -15.94 -9.11 -15.26
CMA CYC C . -17.00 -6.81 -16.36
CAA CYC C . -19.66 -8.72 -16.35
CBA CYC C . -19.68 -8.78 -17.91
CGA CYC C . -19.17 -10.13 -18.47
O1A CYC C . -18.02 -10.29 -19.01
O2A CYC C . -19.95 -11.12 -18.37
CHB CYC C . -14.49 -8.78 -15.01
NB CYC C . -14.22 -7.62 -17.25
C1B CYC C . -13.81 -8.04 -15.86
C2B CYC C . -12.47 -7.50 -15.56
C3B CYC C . -12.03 -6.72 -16.66
C4B CYC C . -13.08 -6.75 -17.75
CMB CYC C . -11.78 -7.79 -14.20
CAB CYC C . -10.71 -5.94 -16.78
CBB CYC C . -9.82 -6.62 -17.83
OB CYC C . -13.03 -6.23 -18.80
NC CYC C . -18.24 -15.79 -10.54
C1C CYC C . -18.05 -16.95 -9.54
C2C CYC C . -16.49 -17.22 -9.43
C3C CYC C . -15.96 -16.09 -9.82
C4C CYC C . -17.16 -15.45 -10.99
CMC CYC C . -16.14 -17.60 -7.86
CAC CYC C . -14.48 -16.11 -10.41
CBC CYC C . -13.49 -15.57 -9.37
OC CYC C . -18.89 -17.49 -8.91
CHD CYC C . -16.85 -14.67 -12.06
ND CYC C . -17.67 -12.80 -13.67
C1D CYC C . -17.84 -14.04 -13.05
C2D CYC C . -19.03 -14.63 -13.46
C3D CYC C . -19.61 -13.77 -14.30
C4D CYC C . -18.81 -12.71 -14.41
CMD CYC C . -19.62 -16.00 -13.06
CAD CYC C . -20.91 -13.82 -15.09
CBD CYC C . -21.79 -12.78 -14.39
CGD CYC C . -23.17 -12.68 -15.08
O1D CYC C . -24.14 -12.33 -14.39
O2D CYC C . -23.31 -12.94 -16.31
HHA CYC C . -19.60 -11.20 -15.60
HMA1 CYC C . -16.61 -6.24 -15.67
HMA2 CYC C . -17.91 -6.52 -16.55
HMA3 CYC C . -16.47 -6.77 -17.17
HAA1 CYC C . -20.31 -9.34 -16.00
HAA2 CYC C . -19.88 -7.82 -16.06
HBA1 CYC C . -20.58 -8.63 -18.22
HBA2 CYC C . -19.11 -8.07 -18.26
HHB CYC C . -14.06 -9.09 -14.23
HB CYC C . -14.96 -7.79 -17.65
HMB1 CYC C . -11.31 -8.63 -14.25
HMB2 CYC C . -12.46 -7.85 -13.50
HMB3 CYC C . -11.17 -7.07 -13.98
HAB1 CYC C . -10.90 -5.03 -17.05
HAB2 CYC C . -10.26 -5.95 -15.92
HBB1 CYC C . -9.79 -7.58 -17.67
HBB2 CYC C . -10.20 -6.46 -18.71
HBB3 CYC C . -8.93 -6.24 -17.79
HC CYC C . -19.00 -15.47 -10.76
H2C CYC C . -16.19 -17.98 -9.94
H3C CYC C . -15.85 -15.49 -9.07
HMC1 CYC C . -15.29 -17.22 -7.62
HMC2 CYC C . -16.10 -18.57 -7.78
HMC3 CYC C . -16.84 -17.25 -7.28
HAC1 CYC C . -14.44 -15.55 -11.21
HAC2 CYC C . -14.24 -17.02 -10.65
HBC1 CYC C . -13.59 -16.06 -8.53
HBC2 CYC C . -12.58 -15.68 -9.70
HBC3 CYC C . -13.66 -14.62 -9.20
HHD CYC C . -15.96 -14.50 -12.20
HD CYC C . -17.04 -12.23 -13.57
HMD1 CYC C . -18.91 -16.64 -12.94
HMD2 CYC C . -20.13 -15.91 -12.24
HMD3 CYC C . -20.21 -16.31 -13.78
HAD1 CYC C . -21.30 -14.70 -15.03
HAD2 CYC C . -20.75 -13.57 -16.02
HBD1 CYC C . -21.34 -11.91 -14.43
HBD2 CYC C . -21.91 -13.04 -13.47
CHA CYC D . -15.04 14.11 10.00
NA CYC D . -12.62 13.92 9.89
C1A CYC D . -13.73 14.66 9.64
C2A CYC D . -13.44 15.98 9.00
C3A CYC D . -11.95 15.97 8.87
C4A CYC D . -11.57 14.66 9.45
CMA CYC D . -11.06 17.04 8.29
CAA CYC D . -14.41 17.06 8.58
CBA CYC D . -14.74 16.90 7.10
CGA CYC D . -15.49 15.60 6.89
O1A CYC D . -15.09 14.83 6.00
O2A CYC D . -16.47 15.35 7.61
CHB CYC D . -10.21 14.09 9.58
NB CYC D . -9.61 14.91 7.38
C1B CYC D . -9.22 14.25 8.49
C2B CYC D . -7.82 13.76 8.45
C3B CYC D . -7.34 14.21 7.12
C4B CYC D . -8.53 14.90 6.58
CMB CYC D . -7.07 12.99 9.51
CAB CYC D . -5.98 14.02 6.49
CBB CYC D . -5.66 15.20 5.61
OB CYC D . -8.53 15.45 5.41
NC CYC D . -14.54 9.45 13.88
C1C CYC D . -14.42 8.66 14.95
C2C CYC D . -13.13 7.90 14.92
C3C CYC D . -12.48 8.38 13.63
C4C CYC D . -13.48 9.34 13.09
CMC CYC D . -12.29 8.24 16.14
CAC CYC D . -12.26 7.23 12.65
CBC CYC D . -11.15 6.32 13.11
OC CYC D . -15.24 8.55 15.85
CHD CYC D . -13.33 10.02 11.95
ND CYC D . -14.00 12.13 10.95
C1D CYC D . -14.38 10.96 11.50
C2D CYC D . -15.86 10.77 11.59
C3D CYC D . -16.39 12.03 10.99
C4D CYC D . -15.15 12.78 10.63
CMD CYC D . -16.63 9.60 12.13
CAD CYC D . -17.82 12.44 10.79
CBD CYC D . -18.29 13.26 11.98
CGD CYC D . -19.45 14.13 11.57
O1D CYC D . -20.38 14.32 12.39
O2D CYC D . -19.47 14.62 10.42
CHA CYC E . 17.93 -6.02 1.30
NA CYC E . 16.00 -5.00 0.22
C1A CYC E . 17.20 -5.55 0.14
C2A CYC E . 17.77 -5.67 -1.18
C3A CYC E . 16.73 -5.10 -2.02
C4A CYC E . 15.69 -4.70 -1.06
CMA CYC E . 16.80 -4.99 -3.51
CAA CYC E . 19.09 -6.26 -1.54
CBA CYC E . 18.83 -7.67 -2.04
CGA CYC E . 18.34 -8.47 -0.89
O1A CYC E . 18.85 -8.32 0.21
O2A CYC E . 17.42 -9.27 -1.09
CHB CYC E . 14.37 -4.12 -1.28
NB CYC E . 14.77 -2.55 -3.13
C1B CYC E . 13.93 -3.12 -2.27
C2B CYC E . 12.53 -2.67 -2.38
C3B CYC E . 12.59 -1.69 -3.47
C4B CYC E . 14.00 -1.72 -3.82
CMB CYC E . 11.34 -3.11 -1.59
CAB CYC E . 11.46 -0.89 -4.05
CBB CYC E . 11.48 -1.05 -5.53
OB CYC E . 14.47 -1.00 -4.75
NC CYC E . 15.29 -7.11 6.84
C1C CYC E . 14.78 -7.00 8.04
C2C CYC E . 14.77 -5.52 8.30
C3C CYC E . 13.81 -5.45 7.18
C4C CYC E . 14.86 -5.98 6.28
CMC CYC E . 14.27 -4.86 9.56
CAC CYC E . 13.37 -4.04 6.98
CBC CYC E . 11.93 -4.11 7.40
OC CYC E . 14.27 -7.89 8.67
CHD CYC E . 15.26 -5.31 5.22
ND CYC E . 16.30 -5.58 3.03
C1D CYC E . 16.37 -5.69 4.35
C2D CYC E . 17.67 -6.04 4.92
C3D CYC E . 18.47 -6.24 3.73
C4D CYC E . 17.52 -5.96 2.67
CMD CYC E . 18.05 -6.18 6.34
CAD CYC E . 19.89 -6.64 3.57
CBD CYC E . 20.83 -5.46 3.75
CGD CYC E . 20.46 -4.25 2.95
O1D CYC E . 20.53 -3.12 3.47
O2D CYC E . 20.13 -4.38 1.79
#